data_4Y9B
#
_entry.id   4Y9B
#
_cell.length_a   43.633
_cell.length_b   85.365
_cell.length_c   64.703
_cell.angle_alpha   90.00
_cell.angle_beta   90.00
_cell.angle_gamma   90.00
#
_symmetry.space_group_name_H-M   'P 21 21 2'
#
loop_
_entity.id
_entity.type
_entity.pdbx_description
1 polymer Transthyretin
2 non-polymer 1,3,6-trihydroxy-7-methoxy-2,8-bis(3-methylbut-2-en-1-yl)-9H-xanthen-9-one
3 non-polymer 'CHLORIDE ION'
4 non-polymer 'CALCIUM ION'
5 water water
#
_entity_poly.entity_id   1
_entity_poly.type   'polypeptide(L)'
_entity_poly.pdbx_seq_one_letter_code
;MRGSHHHHHHGSMASHRLLLLCLAGLVFVSEAGPTGTGESKCPLMVKVLDAVRGSPAINVAMHVFRKAADDTWEPFASGK
TSESGELHGLTTEEEFVEGIYKVEIDTKSYWKALGISPFHEHAEVVFTANDSGPRRYTIAALLSPYSYSTTAVVTNPKE
;
_entity_poly.pdbx_strand_id   A,B
#
loop_
_chem_comp.id
_chem_comp.type
_chem_comp.name
_chem_comp.formula
CA non-polymer 'CALCIUM ION' 'Ca 2'
CL non-polymer 'CHLORIDE ION' 'Cl -1'
MKS non-polymer 1,3,6-trihydroxy-7-methoxy-2,8-bis(3-methylbut-2-en-1-yl)-9H-xanthen-9-one 'C24 H26 O6'
#
# COMPACT_ATOMS: atom_id res chain seq x y z
N CYS A 42 7.22 22.70 4.74
CA CYS A 42 7.83 21.35 4.81
C CYS A 42 7.64 20.59 3.49
N PRO A 43 8.63 19.76 3.14
CA PRO A 43 8.59 19.08 1.86
C PRO A 43 7.80 17.76 1.86
N LEU A 44 7.33 17.35 3.02
CA LEU A 44 6.53 16.08 3.08
C LEU A 44 5.35 16.29 4.03
N MET A 45 4.14 16.11 3.50
CA MET A 45 2.90 16.22 4.30
C MET A 45 2.01 15.03 3.97
N VAL A 46 1.35 14.48 4.98
CA VAL A 46 0.40 13.38 4.78
C VAL A 46 -0.97 13.80 5.27
N LYS A 47 -2.00 13.59 4.46
CA LYS A 47 -3.40 13.86 4.82
C LYS A 47 -4.19 12.55 4.76
N VAL A 48 -5.06 12.28 5.73
CA VAL A 48 -5.78 11.00 5.80
C VAL A 48 -7.25 11.35 6.01
N LEU A 49 -8.12 10.79 5.19
CA LEU A 49 -9.56 11.02 5.23
C LEU A 49 -10.30 9.72 5.48
N ASP A 50 -11.47 9.84 6.10
CA ASP A 50 -12.30 8.66 6.41
C ASP A 50 -13.54 8.69 5.51
N ALA A 51 -13.67 7.65 4.66
CA ALA A 51 -14.75 7.57 3.66
C ALA A 51 -16.07 7.04 4.25
N VAL A 52 -16.05 6.57 5.50
CA VAL A 52 -17.25 6.06 6.17
C VAL A 52 -17.96 7.24 6.85
N ARG A 53 -17.20 8.11 7.51
CA ARG A 53 -17.80 9.19 8.27
C ARG A 53 -17.77 10.50 7.52
N GLY A 54 -17.03 10.58 6.43
CA GLY A 54 -16.93 11.86 5.69
C GLY A 54 -16.21 12.91 6.51
N SER A 55 -15.03 12.56 7.01
CA SER A 55 -14.34 13.40 7.96
C SER A 55 -12.86 13.23 7.74
N PRO A 56 -12.04 14.18 8.19
CA PRO A 56 -10.64 13.82 8.40
C PRO A 56 -10.51 12.62 9.32
N ALA A 57 -9.45 11.83 9.14
CA ALA A 57 -9.10 10.71 10.00
C ALA A 57 -8.08 11.26 11.01
N ILE A 58 -8.57 11.49 12.23
CA ILE A 58 -7.79 12.18 13.28
C ILE A 58 -7.03 11.16 14.14
N ASN A 59 -5.85 11.59 14.59
CA ASN A 59 -5.01 10.81 15.50
C ASN A 59 -4.55 9.48 14.88
N VAL A 60 -4.37 9.47 13.57
CA VAL A 60 -3.83 8.29 12.91
C VAL A 60 -2.30 8.35 12.99
N ALA A 61 -1.72 7.30 13.52
CA ALA A 61 -0.24 7.19 13.66
C ALA A 61 0.39 6.72 12.36
N MET A 62 1.57 7.23 12.07
CA MET A 62 2.32 6.72 10.92
C MET A 62 3.80 6.89 11.18
N HIS A 63 4.57 6.01 10.55
CA HIS A 63 6.05 6.03 10.66
C HIS A 63 6.62 6.10 9.27
N VAL A 64 7.66 6.92 9.13
CA VAL A 64 8.36 7.09 7.86
C VAL A 64 9.73 6.49 7.99
N PHE A 65 10.16 5.73 6.95
CA PHE A 65 11.45 5.04 6.91
C PHE A 65 12.16 5.47 5.64
N ARG A 66 13.48 5.36 5.65
CA ARG A 66 14.29 5.66 4.46
C ARG A 66 15.16 4.45 4.23
N LYS A 67 15.30 4.05 2.97
CA LYS A 67 16.11 2.90 2.65
C LYS A 67 17.61 3.25 2.74
N ALA A 68 18.33 2.51 3.57
CA ALA A 68 19.78 2.75 3.76
C ALA A 68 20.63 2.13 2.68
N ALA A 69 21.92 2.50 2.68
CA ALA A 69 22.88 1.97 1.71
C ALA A 69 22.88 0.43 1.73
N ASP A 70 22.74 -0.15 2.91
CA ASP A 70 22.74 -1.61 3.05
C ASP A 70 21.39 -2.27 2.77
N ASP A 71 20.41 -1.50 2.29
CA ASP A 71 19.08 -2.02 1.93
C ASP A 71 18.12 -2.29 3.10
N THR A 72 18.45 -1.85 4.29
CA THR A 72 17.51 -1.95 5.40
C THR A 72 16.65 -0.65 5.41
N TRP A 73 15.45 -0.74 6.00
CA TRP A 73 14.59 0.43 6.30
C TRP A 73 14.90 1.15 7.62
N GLU A 74 15.56 2.28 7.55
CA GLU A 74 15.93 3.02 8.75
C GLU A 74 14.81 3.95 9.16
N PRO A 75 14.48 4.01 10.46
CA PRO A 75 13.51 4.99 10.91
C PRO A 75 13.93 6.40 10.49
N PHE A 76 12.97 7.19 10.02
CA PHE A 76 13.20 8.53 9.52
C PHE A 76 12.38 9.59 10.29
N ALA A 77 11.08 9.37 10.51
CA ALA A 77 10.24 10.26 11.27
C ALA A 77 8.94 9.56 11.62
N SER A 78 8.16 10.13 12.55
CA SER A 78 6.85 9.57 12.82
C SER A 78 5.98 10.66 13.38
N GLY A 79 4.70 10.39 13.42
CA GLY A 79 3.76 11.35 13.96
C GLY A 79 2.32 10.87 13.88
N LYS A 80 1.36 11.69 14.33
CA LYS A 80 -0.04 11.36 14.16
C LYS A 80 -0.77 12.50 13.53
N THR A 81 -1.85 12.18 12.82
CA THR A 81 -2.65 13.24 12.20
C THR A 81 -3.39 14.15 13.22
N SER A 82 -3.49 15.40 12.82
CA SER A 82 -4.18 16.40 13.64
C SER A 82 -5.68 16.33 13.40
N GLU A 83 -6.39 17.31 13.98
CA GLU A 83 -7.86 17.38 13.82
C GLU A 83 -8.29 17.65 12.39
N SER A 84 -7.37 18.12 11.55
CA SER A 84 -7.67 18.28 10.11
C SER A 84 -7.27 17.04 9.28
N GLY A 85 -6.82 15.98 9.95
CA GLY A 85 -6.33 14.75 9.26
C GLY A 85 -4.96 14.92 8.65
N GLU A 86 -4.21 15.97 9.02
CA GLU A 86 -2.90 16.24 8.41
C GLU A 86 -1.76 16.02 9.39
N LEU A 87 -0.61 15.62 8.85
CA LEU A 87 0.59 15.54 9.63
C LEU A 87 1.69 16.28 8.85
N HIS A 88 2.11 17.38 9.49
CA HIS A 88 3.10 18.36 9.00
C HIS A 88 4.38 18.22 9.82
N GLY A 89 5.46 18.78 9.31
CA GLY A 89 6.69 18.87 10.09
C GLY A 89 7.48 17.60 10.26
N LEU A 90 7.24 16.62 9.41
CA LEU A 90 8.00 15.36 9.48
C LEU A 90 9.50 15.55 9.18
N THR A 91 9.83 16.49 8.31
CA THR A 91 11.20 16.69 7.92
C THR A 91 11.44 18.09 7.39
N THR A 92 12.66 18.30 6.94
CA THR A 92 13.09 19.57 6.41
C THR A 92 13.67 19.34 5.03
N GLU A 93 13.76 20.41 4.26
CA GLU A 93 14.30 20.35 2.90
C GLU A 93 15.72 19.76 2.93
N GLU A 94 16.51 20.14 3.93
CA GLU A 94 17.92 19.73 3.96
C GLU A 94 18.04 18.28 4.38
N GLU A 95 17.16 17.81 5.29
CA GLU A 95 17.24 16.45 5.75
C GLU A 95 16.67 15.42 4.75
N PHE A 96 15.71 15.89 3.97
CA PHE A 96 14.92 15.03 3.06
C PHE A 96 15.70 14.89 1.76
N VAL A 97 16.80 14.16 1.85
CA VAL A 97 17.65 14.00 0.69
C VAL A 97 17.03 12.98 -0.30
N GLU A 98 17.62 12.83 -1.46
CA GLU A 98 17.20 11.78 -2.39
C GLU A 98 17.22 10.40 -1.72
N GLY A 99 16.25 9.55 -2.04
CA GLY A 99 16.26 8.19 -1.53
C GLY A 99 14.90 7.56 -1.73
N ILE A 100 14.78 6.35 -1.25
CA ILE A 100 13.48 5.64 -1.28
C ILE A 100 12.93 5.70 0.13
N TYR A 101 11.70 6.23 0.22
CA TYR A 101 11.00 6.43 1.50
C TYR A 101 9.77 5.59 1.59
N LYS A 102 9.47 5.11 2.81
CA LYS A 102 8.22 4.39 3.07
C LYS A 102 7.45 5.07 4.17
N VAL A 103 6.18 5.33 3.92
CA VAL A 103 5.26 5.81 4.95
C VAL A 103 4.33 4.66 5.30
N GLU A 104 4.33 4.23 6.56
N GLU A 104 4.34 4.19 6.54
CA GLU A 104 3.45 3.16 6.97
CA GLU A 104 3.41 3.14 6.95
C GLU A 104 2.37 3.73 7.90
C GLU A 104 2.37 3.78 7.86
N ILE A 105 1.12 3.80 7.40
CA ILE A 105 0.03 4.47 8.15
C ILE A 105 -0.77 3.45 8.92
N ASP A 106 -0.87 3.61 10.24
CA ASP A 106 -1.52 2.56 11.06
C ASP A 106 -3.05 2.69 10.99
N THR A 107 -3.58 2.26 9.84
CA THR A 107 -5.04 2.34 9.64
C THR A 107 -5.82 1.32 10.47
N LYS A 108 -5.17 0.20 10.80
CA LYS A 108 -5.89 -0.83 11.61
C LYS A 108 -6.25 -0.23 13.00
N SER A 109 -5.33 0.44 13.69
CA SER A 109 -5.67 0.95 15.02
C SER A 109 -6.78 2.01 14.92
N TYR A 110 -6.80 2.81 13.83
CA TYR A 110 -7.85 3.79 13.61
C TYR A 110 -9.22 3.11 13.59
N TRP A 111 -9.34 2.10 12.73
CA TRP A 111 -10.63 1.40 12.62
C TRP A 111 -11.01 0.66 13.91
N LYS A 112 -10.05 0.00 14.53
CA LYS A 112 -10.35 -0.77 15.76
C LYS A 112 -10.84 0.17 16.84
N ALA A 113 -10.31 1.37 16.94
CA ALA A 113 -10.80 2.30 17.96
C ALA A 113 -12.25 2.75 17.70
N LEU A 114 -12.72 2.65 16.45
CA LEU A 114 -14.11 2.92 16.08
C LEU A 114 -14.99 1.66 16.13
N GLY A 115 -14.45 0.56 16.64
CA GLY A 115 -15.20 -0.69 16.70
C GLY A 115 -15.09 -1.62 15.53
N ILE A 116 -14.34 -1.24 14.50
CA ILE A 116 -14.35 -1.99 13.22
C ILE A 116 -13.09 -2.82 13.10
N SER A 117 -13.23 -4.06 12.63
CA SER A 117 -12.07 -4.91 12.31
C SER A 117 -11.84 -4.81 10.79
N PRO A 118 -10.84 -4.01 10.39
CA PRO A 118 -10.66 -3.72 8.95
C PRO A 118 -9.87 -4.82 8.24
N PHE A 119 -9.83 -4.71 6.93
CA PHE A 119 -9.06 -5.71 6.14
C PHE A 119 -7.54 -5.50 6.30
N HIS A 120 -7.07 -4.26 6.11
CA HIS A 120 -5.63 -4.05 6.01
C HIS A 120 -4.98 -3.91 7.36
N GLU A 121 -3.74 -4.39 7.47
CA GLU A 121 -2.95 -4.11 8.68
C GLU A 121 -2.52 -2.65 8.73
N HIS A 122 -2.28 -2.11 7.56
CA HIS A 122 -1.77 -0.72 7.45
C HIS A 122 -1.92 -0.28 5.99
N ALA A 123 -1.70 0.99 5.70
CA ALA A 123 -1.62 1.49 4.29
C ALA A 123 -0.16 1.95 4.15
N GLU A 124 0.55 1.45 3.13
CA GLU A 124 1.98 1.78 2.96
C GLU A 124 2.14 2.56 1.67
N VAL A 125 2.97 3.62 1.70
CA VAL A 125 3.29 4.35 0.49
C VAL A 125 4.83 4.27 0.33
N VAL A 126 5.34 3.70 -0.74
CA VAL A 126 6.82 3.62 -0.94
C VAL A 126 7.15 4.29 -2.25
N PHE A 127 8.12 5.17 -2.22
CA PHE A 127 8.42 6.05 -3.37
C PHE A 127 9.83 6.54 -3.35
N THR A 128 10.35 6.82 -4.52
CA THR A 128 11.64 7.52 -4.62
C THR A 128 11.37 8.99 -4.59
N ALA A 129 12.11 9.72 -3.75
CA ALA A 129 11.91 11.17 -3.58
C ALA A 129 13.13 11.93 -4.06
N ASN A 130 12.88 13.11 -4.64
CA ASN A 130 13.92 14.09 -5.00
C ASN A 130 14.94 13.63 -6.05
N ASP A 131 14.52 12.72 -6.89
CA ASP A 131 15.44 12.10 -7.85
C ASP A 131 15.85 13.14 -8.90
N SER A 132 14.99 14.13 -9.14
CA SER A 132 15.27 15.19 -10.12
C SER A 132 15.49 16.53 -9.44
N GLY A 133 15.92 16.51 -8.19
CA GLY A 133 16.02 17.72 -7.40
C GLY A 133 14.90 17.76 -6.39
N PRO A 134 14.94 18.73 -5.48
CA PRO A 134 13.98 18.85 -4.37
C PRO A 134 12.57 19.07 -4.90
N ARG A 135 11.62 18.32 -4.32
CA ARG A 135 10.21 18.52 -4.58
C ARG A 135 9.45 18.55 -3.25
N ARG A 136 8.21 19.05 -3.28
CA ARG A 136 7.30 18.98 -2.14
C ARG A 136 6.27 17.87 -2.46
N TYR A 137 6.04 17.03 -1.48
CA TYR A 137 5.15 15.86 -1.62
C TYR A 137 4.01 15.97 -0.67
N THR A 138 2.76 15.92 -1.18
CA THR A 138 1.57 15.72 -0.34
C THR A 138 1.06 14.32 -0.65
N ILE A 139 1.01 13.45 0.34
N ILE A 139 1.11 13.44 0.35
CA ILE A 139 0.48 12.11 0.16
CA ILE A 139 0.49 12.12 0.32
C ILE A 139 -0.85 12.06 0.87
C ILE A 139 -0.95 12.28 0.85
N ALA A 140 -1.91 11.73 0.13
CA ALA A 140 -3.26 11.62 0.67
C ALA A 140 -3.67 10.18 0.70
N ALA A 141 -4.34 9.81 1.76
CA ALA A 141 -4.86 8.43 1.92
C ALA A 141 -6.33 8.56 2.24
N LEU A 142 -7.19 7.83 1.52
CA LEU A 142 -8.66 7.79 1.80
C LEU A 142 -8.97 6.39 2.29
N LEU A 143 -9.57 6.29 3.47
CA LEU A 143 -9.72 5.02 4.16
C LEU A 143 -11.16 4.54 4.22
N SER A 144 -11.34 3.25 3.94
CA SER A 144 -12.57 2.50 4.22
C SER A 144 -12.16 1.19 4.87
N PRO A 145 -13.12 0.51 5.54
CA PRO A 145 -12.68 -0.73 6.25
C PRO A 145 -12.02 -1.78 5.37
N TYR A 146 -12.47 -1.93 4.14
CA TYR A 146 -11.91 -2.92 3.21
C TYR A 146 -11.25 -2.36 1.99
N SER A 147 -10.92 -1.06 1.99
CA SER A 147 -10.32 -0.46 0.83
C SER A 147 -9.56 0.74 1.25
N TYR A 148 -8.47 1.02 0.58
CA TYR A 148 -7.92 2.37 0.70
C TYR A 148 -7.38 2.79 -0.64
N SER A 149 -7.30 4.10 -0.80
CA SER A 149 -6.67 4.74 -1.93
CA SER A 149 -6.62 4.68 -1.93
C SER A 149 -5.58 5.67 -1.45
N THR A 150 -4.56 5.81 -2.26
CA THR A 150 -3.52 6.74 -1.97
C THR A 150 -3.07 7.44 -3.21
N THR A 151 -2.76 8.73 -3.05
CA THR A 151 -2.38 9.58 -4.15
CA THR A 151 -2.34 9.57 -4.19
C THR A 151 -1.24 10.49 -3.71
N ALA A 152 -0.43 10.90 -4.65
CA ALA A 152 0.59 11.92 -4.34
C ALA A 152 0.45 13.09 -5.26
N VAL A 153 0.59 14.29 -4.71
CA VAL A 153 0.77 15.50 -5.50
C VAL A 153 2.22 15.96 -5.25
N VAL A 154 2.92 16.16 -6.33
CA VAL A 154 4.33 16.48 -6.30
C VAL A 154 4.47 17.84 -6.94
N THR A 155 5.06 18.78 -6.22
CA THR A 155 5.19 20.13 -6.77
C THR A 155 6.64 20.57 -6.70
N ASN A 156 7.01 21.42 -7.66
CA ASN A 156 8.37 21.92 -7.75
C ASN A 156 8.42 23.28 -7.06
N PRO A 157 9.16 23.34 -5.95
CA PRO A 157 9.06 24.46 -5.01
C PRO A 157 9.34 25.84 -5.63
N CYS B 42 -8.89 -22.12 -5.10
CA CYS B 42 -8.05 -20.98 -4.66
CA CYS B 42 -8.17 -20.82 -4.95
C CYS B 42 -8.73 -19.96 -3.78
N PRO B 43 -8.13 -19.88 -2.59
CA PRO B 43 -8.68 -18.93 -1.62
C PRO B 43 -8.11 -17.52 -1.75
N LEU B 44 -7.26 -17.28 -2.73
CA LEU B 44 -6.60 -15.97 -2.90
C LEU B 44 -6.48 -15.68 -4.38
N MET B 45 -7.10 -14.59 -4.85
CA MET B 45 -6.99 -14.20 -6.24
C MET B 45 -6.65 -12.70 -6.22
N VAL B 46 -5.81 -12.26 -7.15
CA VAL B 46 -5.52 -10.81 -7.27
C VAL B 46 -5.89 -10.32 -8.65
N LYS B 47 -6.55 -9.18 -8.74
CA LYS B 47 -6.93 -8.62 -10.02
C LYS B 47 -6.41 -7.19 -10.12
N VAL B 48 -5.81 -6.84 -11.23
CA VAL B 48 -5.17 -5.52 -11.36
C VAL B 48 -5.73 -4.85 -12.62
N LEU B 49 -6.18 -3.61 -12.49
CA LEU B 49 -6.76 -2.79 -13.54
C LEU B 49 -5.93 -1.51 -13.77
N ASP B 50 -5.95 -1.03 -14.98
CA ASP B 50 -5.18 0.15 -15.41
C ASP B 50 -6.20 1.27 -15.70
N ALA B 51 -6.11 2.34 -14.90
CA ALA B 51 -7.02 3.47 -15.01
C ALA B 51 -6.65 4.49 -16.09
N VAL B 52 -5.47 4.35 -16.66
CA VAL B 52 -5.00 5.19 -17.77
C VAL B 52 -5.53 4.61 -19.09
N ARG B 53 -5.39 3.30 -19.28
CA ARG B 53 -5.79 2.72 -20.56
C ARG B 53 -7.19 2.12 -20.53
N GLY B 54 -7.79 1.98 -19.36
CA GLY B 54 -9.13 1.40 -19.26
C GLY B 54 -9.09 -0.09 -19.63
N SER B 55 -8.17 -0.82 -19.03
CA SER B 55 -7.91 -2.18 -19.43
C SER B 55 -7.50 -2.98 -18.21
N PRO B 56 -7.52 -4.31 -18.28
CA PRO B 56 -6.81 -5.10 -17.29
C PRO B 56 -5.34 -4.69 -17.35
N ALA B 57 -4.63 -4.78 -16.23
CA ALA B 57 -3.20 -4.54 -16.20
C ALA B 57 -2.56 -5.92 -16.38
N ILE B 58 -2.01 -6.17 -17.58
CA ILE B 58 -1.51 -7.53 -17.98
C ILE B 58 -0.03 -7.63 -17.67
N ASN B 59 0.40 -8.85 -17.32
CA ASN B 59 1.84 -9.12 -17.05
C ASN B 59 2.42 -8.31 -15.91
N VAL B 60 1.59 -8.01 -14.92
CA VAL B 60 2.06 -7.37 -13.71
C VAL B 60 2.56 -8.47 -12.76
N ALA B 61 3.82 -8.34 -12.33
CA ALA B 61 4.39 -9.31 -11.41
C ALA B 61 4.06 -8.98 -9.97
N MET B 62 3.85 -10.00 -9.16
CA MET B 62 3.75 -9.76 -7.73
C MET B 62 4.27 -10.92 -6.93
N HIS B 63 4.63 -10.67 -5.68
CA HIS B 63 5.07 -11.71 -4.76
C HIS B 63 4.21 -11.65 -3.52
N VAL B 64 3.90 -12.81 -2.99
CA VAL B 64 3.14 -12.99 -1.76
C VAL B 64 4.05 -13.51 -0.67
N PHE B 65 3.97 -12.91 0.50
CA PHE B 65 4.78 -13.27 1.69
C PHE B 65 3.89 -13.59 2.88
N ARG B 66 4.41 -14.41 3.82
CA ARG B 66 3.74 -14.58 5.12
CA ARG B 66 3.76 -14.64 5.10
C ARG B 66 4.70 -14.14 6.21
N LYS B 67 4.16 -13.46 7.22
CA LYS B 67 5.02 -12.94 8.29
C LYS B 67 5.52 -14.11 9.15
N ALA B 68 6.85 -14.20 9.28
CA ALA B 68 7.49 -15.26 10.08
C ALA B 68 7.51 -14.91 11.57
N ALA B 69 7.92 -15.88 12.38
CA ALA B 69 7.98 -15.71 13.84
C ALA B 69 8.95 -14.61 14.27
N ASP B 70 10.00 -14.40 13.47
CA ASP B 70 10.97 -13.36 13.76
C ASP B 70 10.60 -11.97 13.19
N ASP B 71 9.34 -11.80 12.77
CA ASP B 71 8.83 -10.54 12.20
C ASP B 71 9.34 -10.23 10.80
N THR B 72 10.02 -11.17 10.17
CA THR B 72 10.43 -10.99 8.79
C THR B 72 9.42 -11.59 7.81
N TRP B 73 9.52 -11.17 6.56
CA TRP B 73 8.58 -11.57 5.52
C TRP B 73 9.12 -12.75 4.76
N GLU B 74 8.49 -13.90 4.92
CA GLU B 74 8.81 -15.14 4.21
C GLU B 74 8.03 -15.22 2.89
N PRO B 75 8.72 -15.01 1.75
CA PRO B 75 8.03 -15.16 0.46
C PRO B 75 7.56 -16.59 0.25
N PHE B 76 6.38 -16.80 -0.28
N PHE B 76 6.34 -16.70 -0.32
CA PHE B 76 6.02 -18.17 -0.55
CA PHE B 76 5.33 -17.77 -0.18
C PHE B 76 5.33 -18.38 -1.90
C PHE B 76 4.79 -18.25 -1.56
N ALA B 77 4.78 -17.32 -2.52
CA ALA B 77 4.20 -17.49 -3.85
C ALA B 77 4.44 -16.23 -4.68
N SER B 78 4.31 -16.40 -6.00
CA SER B 78 4.36 -15.27 -6.94
C SER B 78 3.81 -15.63 -8.29
N GLY B 79 3.67 -14.63 -9.16
CA GLY B 79 3.13 -14.84 -10.48
C GLY B 79 2.97 -13.52 -11.18
N LYS B 80 2.41 -13.57 -12.37
CA LYS B 80 2.11 -12.34 -13.06
C LYS B 80 0.71 -12.40 -13.62
N THR B 81 0.04 -11.23 -13.70
CA THR B 81 -1.33 -11.26 -14.12
C THR B 81 -1.51 -11.70 -15.59
N SER B 82 -2.61 -12.38 -15.82
CA SER B 82 -3.05 -12.85 -17.13
C SER B 82 -3.58 -11.74 -18.03
N GLU B 83 -4.05 -12.12 -19.22
CA GLU B 83 -4.66 -11.14 -20.14
C GLU B 83 -5.95 -10.53 -19.55
N SER B 84 -6.51 -11.13 -18.52
CA SER B 84 -7.70 -10.60 -17.85
C SER B 84 -7.31 -9.76 -16.62
N GLY B 85 -6.02 -9.60 -16.42
CA GLY B 85 -5.55 -8.84 -15.25
C GLY B 85 -5.55 -9.63 -13.96
N GLU B 86 -5.67 -10.97 -14.05
CA GLU B 86 -5.89 -11.80 -12.88
C GLU B 86 -4.75 -12.74 -12.61
N LEU B 87 -4.51 -12.97 -11.34
CA LEU B 87 -3.57 -14.00 -10.93
C LEU B 87 -4.25 -14.98 -9.97
N HIS B 88 -4.35 -16.22 -10.44
CA HIS B 88 -5.05 -17.30 -9.72
C HIS B 88 -4.01 -18.33 -9.29
N GLY B 89 -4.42 -19.30 -8.46
CA GLY B 89 -3.54 -20.43 -8.15
C GLY B 89 -2.37 -20.13 -7.25
N LEU B 90 -2.41 -19.01 -6.52
CA LEU B 90 -1.28 -18.64 -5.68
C LEU B 90 -1.07 -19.62 -4.52
N THR B 91 -2.18 -20.10 -3.96
CA THR B 91 -2.11 -21.02 -2.81
C THR B 91 -3.28 -22.03 -2.81
N THR B 92 -3.32 -22.88 -1.80
CA THR B 92 -4.35 -23.88 -1.64
C THR B 92 -5.02 -23.63 -0.31
N GLU B 93 -6.24 -24.13 -0.16
CA GLU B 93 -6.94 -24.04 1.13
C GLU B 93 -6.12 -24.64 2.30
N GLU B 94 -5.41 -25.75 2.10
CA GLU B 94 -4.64 -26.37 3.20
C GLU B 94 -3.44 -25.53 3.62
N GLU B 95 -2.80 -24.90 2.64
CA GLU B 95 -1.57 -24.22 2.87
C GLU B 95 -1.81 -22.82 3.40
N PHE B 96 -2.98 -22.28 3.03
CA PHE B 96 -3.30 -20.90 3.35
C PHE B 96 -3.88 -20.78 4.77
N VAL B 97 -3.03 -20.96 5.76
CA VAL B 97 -3.44 -20.95 7.15
C VAL B 97 -3.51 -19.52 7.69
N GLU B 98 -4.04 -19.33 8.87
CA GLU B 98 -4.01 -18.01 9.51
C GLU B 98 -2.62 -17.43 9.54
N GLY B 99 -2.53 -16.13 9.34
CA GLY B 99 -1.27 -15.45 9.51
C GLY B 99 -1.43 -14.08 8.91
N ILE B 100 -0.33 -13.33 8.91
CA ILE B 100 -0.34 -12.00 8.27
C ILE B 100 0.37 -12.18 6.96
N TYR B 101 -0.30 -11.74 5.87
CA TYR B 101 0.18 -11.93 4.51
C TYR B 101 0.44 -10.59 3.83
N LYS B 102 1.42 -10.52 2.97
CA LYS B 102 1.68 -9.31 2.20
C LYS B 102 1.71 -9.66 0.71
N VAL B 103 1.01 -8.90 -0.13
CA VAL B 103 1.12 -9.00 -1.57
C VAL B 103 1.85 -7.75 -2.04
N GLU B 104 3.00 -7.93 -2.68
N GLU B 104 3.00 -7.92 -2.68
CA GLU B 104 3.80 -6.80 -3.20
CA GLU B 104 3.77 -6.78 -3.19
C GLU B 104 3.66 -6.79 -4.72
C GLU B 104 3.64 -6.79 -4.70
N ILE B 105 2.97 -5.78 -5.25
CA ILE B 105 2.66 -5.71 -6.68
C ILE B 105 3.66 -4.78 -7.36
N ASP B 106 4.39 -5.26 -8.39
CA ASP B 106 5.41 -4.43 -9.02
C ASP B 106 4.78 -3.48 -10.04
N THR B 107 4.18 -2.45 -9.49
CA THR B 107 3.54 -1.41 -10.31
C THR B 107 4.54 -0.55 -11.09
N LYS B 108 5.74 -0.36 -10.54
CA LYS B 108 6.72 0.49 -11.18
C LYS B 108 7.16 -0.11 -12.51
N SER B 109 7.45 -1.42 -12.52
CA SER B 109 7.82 -2.12 -13.78
C SER B 109 6.70 -2.04 -14.82
N TYR B 110 5.43 -2.13 -14.38
CA TYR B 110 4.32 -1.99 -15.32
C TYR B 110 4.32 -0.62 -15.98
N TRP B 111 4.39 0.46 -15.19
CA TRP B 111 4.38 1.78 -15.76
C TRP B 111 5.65 2.02 -16.64
N LYS B 112 6.79 1.53 -16.19
CA LYS B 112 8.02 1.69 -17.02
C LYS B 112 7.84 1.04 -18.39
N ALA B 113 7.20 -0.13 -18.40
CA ALA B 113 6.97 -0.86 -19.67
C ALA B 113 6.06 -0.07 -20.63
N LEU B 114 5.19 0.79 -20.09
CA LEU B 114 4.35 1.68 -20.87
C LEU B 114 4.92 3.07 -21.17
N GLY B 115 6.13 3.32 -20.68
CA GLY B 115 6.77 4.60 -20.94
C GLY B 115 6.18 5.72 -20.13
N ILE B 116 5.64 5.40 -18.94
CA ILE B 116 4.94 6.43 -18.15
C ILE B 116 5.62 6.51 -16.80
N SER B 117 5.95 7.73 -16.37
CA SER B 117 6.67 7.96 -15.10
C SER B 117 5.76 7.68 -13.91
N PRO B 118 6.13 6.71 -13.05
CA PRO B 118 5.23 6.41 -11.89
C PRO B 118 5.74 7.03 -10.59
N PHE B 119 4.86 7.19 -9.62
CA PHE B 119 5.23 7.69 -8.28
C PHE B 119 5.72 6.56 -7.39
N HIS B 120 4.95 5.47 -7.29
CA HIS B 120 5.24 4.43 -6.30
C HIS B 120 6.26 3.43 -6.76
N GLU B 121 7.02 2.91 -5.81
CA GLU B 121 7.92 1.78 -6.10
C GLU B 121 7.13 0.52 -6.37
N HIS B 122 6.01 0.36 -5.66
CA HIS B 122 5.18 -0.82 -5.76
C HIS B 122 3.87 -0.51 -5.03
N ALA B 123 2.94 -1.43 -5.06
CA ALA B 123 1.72 -1.34 -4.23
C ALA B 123 1.72 -2.56 -3.35
N GLU B 124 1.66 -2.37 -2.02
CA GLU B 124 1.64 -3.46 -1.04
C GLU B 124 0.24 -3.61 -0.46
N VAL B 125 -0.19 -4.85 -0.27
CA VAL B 125 -1.42 -5.08 0.45
C VAL B 125 -1.05 -6.01 1.62
N VAL B 126 -1.26 -5.59 2.87
CA VAL B 126 -0.90 -6.37 4.07
C VAL B 126 -2.14 -6.61 4.90
N PHE B 127 -2.41 -7.89 5.22
CA PHE B 127 -3.67 -8.26 5.87
C PHE B 127 -3.50 -9.53 6.66
N THR B 128 -4.32 -9.61 7.70
CA THR B 128 -4.45 -10.86 8.47
C THR B 128 -5.47 -11.76 7.83
N ALA B 129 -5.09 -13.01 7.53
CA ALA B 129 -6.01 -13.88 6.84
C ALA B 129 -6.62 -14.86 7.81
N ASN B 130 -7.90 -15.13 7.56
CA ASN B 130 -8.60 -16.33 8.06
C ASN B 130 -8.87 -16.33 9.56
N ASP B 131 -8.79 -15.12 10.10
CA ASP B 131 -8.95 -14.86 11.52
C ASP B 131 -10.26 -15.41 12.12
N SER B 132 -11.30 -15.56 11.29
CA SER B 132 -12.53 -16.22 11.75
C SER B 132 -12.79 -17.62 11.14
N GLY B 133 -11.78 -18.17 10.49
CA GLY B 133 -11.94 -19.33 9.63
C GLY B 133 -11.53 -19.02 8.20
N PRO B 134 -11.45 -20.04 7.32
CA PRO B 134 -10.99 -19.87 5.95
C PRO B 134 -11.94 -18.99 5.17
N ARG B 135 -11.35 -18.03 4.46
CA ARG B 135 -12.18 -17.21 3.56
C ARG B 135 -11.57 -17.21 2.17
N ARG B 136 -12.41 -16.88 1.19
CA ARG B 136 -11.87 -16.66 -0.15
C ARG B 136 -11.67 -15.16 -0.25
N TYR B 137 -10.50 -14.79 -0.69
CA TYR B 137 -10.11 -13.37 -0.80
C TYR B 137 -9.92 -13.01 -2.27
N THR B 138 -10.53 -11.92 -2.71
CA THR B 138 -10.17 -11.35 -4.01
C THR B 138 -9.64 -9.98 -3.70
N ILE B 139 -8.40 -9.74 -4.07
CA ILE B 139 -7.79 -8.42 -3.81
C ILE B 139 -7.76 -7.73 -5.16
N ALA B 140 -8.32 -6.52 -5.31
CA ALA B 140 -8.29 -5.80 -6.55
C ALA B 140 -7.46 -4.56 -6.38
N ALA B 141 -6.69 -4.23 -7.37
CA ALA B 141 -5.86 -3.03 -7.34
C ALA B 141 -6.12 -2.23 -8.60
N LEU B 142 -6.44 -0.96 -8.45
CA LEU B 142 -6.67 -0.07 -9.59
C LEU B 142 -5.53 0.89 -9.70
N LEU B 143 -4.81 0.86 -10.81
CA LEU B 143 -3.53 1.62 -10.90
C LEU B 143 -3.61 2.88 -11.72
N SER B 144 -3.07 3.96 -11.17
CA SER B 144 -2.72 5.14 -11.96
C SER B 144 -1.26 5.49 -11.67
N PRO B 145 -0.66 6.40 -12.48
CA PRO B 145 0.80 6.62 -12.29
C PRO B 145 1.09 7.24 -10.93
N TYR B 146 0.22 8.11 -10.40
CA TYR B 146 0.44 8.73 -9.11
C TYR B 146 -0.55 8.36 -8.06
N SER B 147 -1.32 7.29 -8.27
CA SER B 147 -2.33 6.86 -7.29
C SER B 147 -2.62 5.39 -7.43
N TYR B 148 -2.94 4.71 -6.34
CA TYR B 148 -3.60 3.43 -6.53
C TYR B 148 -4.61 3.25 -5.43
N SER B 149 -5.56 2.38 -5.74
CA SER B 149 -6.57 1.90 -4.80
CA SER B 149 -6.48 1.89 -4.72
C SER B 149 -6.50 0.39 -4.66
N THR B 150 -6.74 -0.12 -3.49
CA THR B 150 -6.87 -1.54 -3.35
CA THR B 150 -6.78 -1.57 -3.27
C THR B 150 -8.04 -1.86 -2.46
N THR B 151 -8.74 -2.91 -2.81
CA THR B 151 -9.92 -3.30 -2.12
CA THR B 151 -9.96 -3.29 -2.05
C THR B 151 -9.93 -4.80 -1.95
N ALA B 152 -10.57 -5.30 -0.93
CA ALA B 152 -10.69 -6.75 -0.73
C ALA B 152 -12.16 -7.11 -0.67
N VAL B 153 -12.48 -8.19 -1.36
CA VAL B 153 -13.80 -8.83 -1.25
C VAL B 153 -13.57 -10.18 -0.61
N VAL B 154 -14.20 -10.38 0.52
CA VAL B 154 -13.94 -11.56 1.37
C VAL B 154 -15.23 -12.32 1.37
N THR B 155 -15.18 -13.55 0.87
CA THR B 155 -16.41 -14.33 0.77
C THR B 155 -16.26 -15.61 1.59
N ASN B 156 -17.41 -16.10 2.06
CA ASN B 156 -17.48 -17.36 2.78
C ASN B 156 -18.36 -18.36 2.02
CAD MKS C . -8.87 9.86 -3.41
CAS MKS C . -7.58 10.25 -2.67
CAE MKS C . -6.63 9.17 -2.21
CAK MKS C . -7.18 11.71 -2.44
CAO MKS C . -8.09 12.84 -2.92
CAX MKS C . -8.42 13.75 -1.92
CBD MKS C . -7.59 14.82 -1.48
CAZ MKS C . -6.30 15.09 -1.99
OAF MKS C . -5.74 14.32 -2.77
CBC MKS C . -5.60 16.23 -1.59
CAV MKS C . -4.35 16.59 -2.13
OAI MKS C . -3.80 15.79 -3.10
CAW MKS C . -3.61 17.71 -1.70
CAN MKS C . -2.37 18.11 -2.28
CAJ MKS C . -2.66 19.21 -3.37
CAR MKS C . -1.65 20.33 -3.68
CAC MKS C . -0.31 20.41 -2.96
CAB MKS C . -1.99 21.37 -4.76
CAT MKS C . -4.20 18.47 -0.68
OAG MKS C . -3.52 19.54 -0.23
CAL MKS C . -5.42 18.13 -0.12
CBA MKS C . -6.11 17.02 -0.56
OAQ MKS C . -7.31 16.71 0.00
CBB MKS C . -8.10 15.68 -0.48
CAM MKS C . -9.36 15.50 0.10
CAU MKS C . -10.17 14.45 -0.34
OAH MKS C . -11.41 14.22 0.14
CAY MKS C . -9.69 13.61 -1.33
OAP MKS C . -10.47 12.57 -1.78
CAA MKS C . -10.51 11.50 -0.81
CL CL D . -10.83 17.74 2.84
CA CA E . 1.60 -1.66 11.82
CAD MKS F . -11.53 0.72 -7.63
CAS MKS F . -12.65 0.44 -8.63
CAE MKS F . -13.72 1.49 -8.92
CAK MKS F . -12.73 -0.87 -9.42
CAO MKS F . -11.64 -1.94 -9.22
CAX MKS F . -12.20 -3.22 -8.93
CBD MKS F . -12.69 -4.14 -9.89
CAZ MKS F . -12.73 -3.88 -11.27
OAF MKS F . -12.38 -2.78 -11.72
CBC MKS F . -13.13 -4.90 -12.15
CAV MKS F . -13.12 -4.80 -13.55
OAI MKS F . -12.71 -3.64 -14.13
CAW MKS F . -13.54 -5.84 -14.43
CAN MKS F . -13.47 -5.75 -15.83
CAJ MKS F . -12.13 -6.41 -16.34
CAR MKS F . -12.13 -7.11 -17.71
CAC MKS F . -13.42 -7.12 -18.54
CAB MKS F . -10.87 -7.74 -18.35
CAT MKS F . -13.99 -7.02 -13.83
OAG MKS F . -14.42 -8.04 -14.62
CAL MKS F . -14.01 -7.14 -12.45
CBA MKS F . -13.60 -6.10 -11.62
OAQ MKS F . -13.66 -6.29 -10.28
CBB MKS F . -13.14 -5.39 -9.41
CAM MKS F . -13.15 -5.75 -8.08
CAU MKS F . -12.69 -4.85 -7.15
OAH MKS F . -12.64 -5.12 -5.82
CAY MKS F . -12.21 -3.63 -7.60
OAP MKS F . -11.75 -2.75 -6.66
CAA MKS F . -12.88 -2.34 -5.88
CL CL G . -14.46 -8.95 -6.90
#